data_6CKZ
#
_entry.id   6CKZ
#
_cell.length_a   67.095
_cell.length_b   83.892
_cell.length_c   95.863
_cell.angle_alpha   90.00
_cell.angle_beta   90.00
_cell.angle_gamma   90.00
#
_symmetry.space_group_name_H-M   'I 2 2 2'
#
loop_
_entity.id
_entity.type
_entity.pdbx_description
1 polymer 'Caspase-3 subunit p17'
2 polymer 'Caspase-3 subunit p12'
3 polymer ACE-1MH-ASP-B3L-PHE-1U8
4 water water
#
loop_
_entity_poly.entity_id
_entity_poly.type
_entity_poly.pdbx_seq_one_letter_code
_entity_poly.pdbx_strand_id
1 'polypeptide(L)'
;MENTENSVDSKSIKNLEPKIIHGSESMDSGISLDNSYKMDYPEMGLCIIINNKNFHKSTGMTSRSGTDVDAANLRETFRN
LKYEVRNKNDLTREEIVELMRDVSKEDHSKRSSFVCVLLSHGEEGIIFGTNGPVDLKKITNFFRGDRCRSLTGKPKLFII
QACRGTELDCGIETD
;
A
2 'polypeptide(L)'
;SGVDDDMACHKIPVEADFLYAYSTAPGYYSWRNSKDGSWFIQSLCAMLKQYADKLEFMHILTRVNRKVATEFESFSFDAT
FHAKKQIPCIVSMLTKELYFYHLEHHHHHH
;
B
3 'polypeptide(L)' (ACE)(1MH)D(B3L)F(1U8) C
#
# COMPACT_ATOMS: atom_id res chain seq x y z
N SER A 29 26.42 19.95 19.92
CA SER A 29 26.25 18.55 20.34
C SER A 29 27.23 17.64 19.59
N GLY A 30 27.08 16.33 19.78
CA GLY A 30 27.95 15.40 19.12
C GLY A 30 27.62 15.23 17.66
N ILE A 31 28.35 14.31 17.02
CA ILE A 31 28.16 14.00 15.61
C ILE A 31 26.70 13.68 15.34
N SER A 32 26.14 14.27 14.29
CA SER A 32 24.77 13.99 13.90
C SER A 32 24.75 13.37 12.52
N LEU A 33 23.90 12.36 12.35
CA LEU A 33 23.69 11.72 11.06
C LEU A 33 22.27 11.99 10.59
N ASP A 34 22.07 11.93 9.28
CA ASP A 34 20.81 12.27 8.65
C ASP A 34 20.29 11.11 7.82
N ASN A 35 20.46 9.90 8.31
CA ASN A 35 20.20 8.69 7.53
C ASN A 35 18.78 8.15 7.66
N SER A 36 17.99 8.64 8.61
CA SER A 36 16.66 8.12 8.86
CA SER A 36 16.65 8.13 8.81
C SER A 36 15.66 9.27 8.94
N TYR A 37 14.45 9.03 8.45
CA TYR A 37 13.40 10.04 8.53
C TYR A 37 13.08 10.35 9.99
N LYS A 38 12.84 11.63 10.26
CA LYS A 38 12.35 12.03 11.57
C LYS A 38 10.92 11.52 11.74
N MET A 39 10.73 10.61 12.69
CA MET A 39 9.42 10.00 12.88
C MET A 39 8.87 10.28 14.27
N ASP A 40 9.37 11.33 14.92
CA ASP A 40 8.93 11.71 16.25
C ASP A 40 8.22 13.06 16.26
N TYR A 41 7.59 13.43 15.14
CA TYR A 41 6.60 14.49 15.16
C TYR A 41 5.48 14.13 16.14
N PRO A 42 4.67 15.11 16.56
CA PRO A 42 3.57 14.79 17.49
C PRO A 42 2.65 13.68 17.01
N GLU A 43 2.46 13.53 15.71
CA GLU A 43 1.60 12.50 15.13
C GLU A 43 2.38 11.70 14.10
N MET A 44 2.10 10.40 14.04
CA MET A 44 2.69 9.59 12.97
C MET A 44 2.14 9.99 11.61
N GLY A 45 0.87 10.35 11.55
CA GLY A 45 0.24 10.78 10.31
C GLY A 45 -1.04 10.02 10.05
N LEU A 46 -1.66 10.34 8.92
CA LEU A 46 -2.88 9.67 8.50
C LEU A 46 -2.57 8.33 7.84
N CYS A 47 -3.50 7.38 7.99
CA CYS A 47 -3.51 6.16 7.20
C CYS A 47 -4.88 6.09 6.55
N ILE A 48 -4.96 6.45 5.27
CA ILE A 48 -6.23 6.40 4.53
C ILE A 48 -6.36 5.02 3.91
N ILE A 49 -7.44 4.31 4.22
CA ILE A 49 -7.70 3.00 3.62
C ILE A 49 -8.93 3.12 2.76
N ILE A 50 -8.77 2.89 1.46
CA ILE A 50 -9.88 2.87 0.52
C ILE A 50 -10.18 1.41 0.23
N ASN A 51 -11.35 0.94 0.70
CA ASN A 51 -11.72 -0.46 0.68
C ASN A 51 -12.88 -0.61 -0.30
N ASN A 52 -12.59 -0.94 -1.55
CA ASN A 52 -13.62 -1.08 -2.57
C ASN A 52 -13.98 -2.54 -2.72
N LYS A 53 -15.15 -2.91 -2.19
CA LYS A 53 -15.63 -4.27 -2.22
C LYS A 53 -16.73 -4.47 -3.25
N ASN A 54 -17.71 -3.57 -3.27
CA ASN A 54 -18.91 -3.69 -4.09
C ASN A 54 -18.86 -2.64 -5.19
N PHE A 55 -18.96 -3.11 -6.43
CA PHE A 55 -18.88 -2.23 -7.58
C PHE A 55 -20.24 -2.06 -8.22
N HIS A 56 -20.42 -0.93 -8.90
CA HIS A 56 -21.70 -0.68 -9.55
C HIS A 56 -22.00 -1.81 -10.52
N LYS A 57 -23.28 -2.25 -10.52
CA LYS A 57 -23.72 -3.29 -11.44
C LYS A 57 -23.35 -2.94 -12.87
N SER A 58 -23.48 -1.66 -13.22
CA SER A 58 -23.13 -1.16 -14.54
C SER A 58 -21.74 -1.63 -15.00
N THR A 59 -20.78 -1.74 -14.09
CA THR A 59 -19.40 -2.02 -14.47
C THR A 59 -19.11 -3.48 -14.78
N GLY A 60 -19.93 -4.40 -14.28
CA GLY A 60 -19.64 -5.81 -14.46
C GLY A 60 -18.51 -6.34 -13.60
N MET A 61 -18.05 -5.58 -12.60
CA MET A 61 -16.94 -6.01 -11.75
C MET A 61 -17.45 -6.76 -10.53
N THR A 62 -16.81 -7.89 -10.23
CA THR A 62 -17.29 -8.75 -9.16
C THR A 62 -16.91 -8.19 -7.79
N SER A 63 -17.68 -8.56 -6.79
CA SER A 63 -17.39 -8.14 -5.43
CA SER A 63 -17.39 -8.14 -5.43
C SER A 63 -16.13 -8.82 -4.93
N ARG A 64 -15.34 -8.07 -4.16
CA ARG A 64 -14.02 -8.55 -3.75
C ARG A 64 -14.07 -9.22 -2.37
N SER A 65 -14.63 -10.42 -2.37
CA SER A 65 -14.70 -11.22 -1.15
C SER A 65 -13.34 -11.31 -0.48
N GLY A 66 -13.33 -11.06 0.84
CA GLY A 66 -12.12 -11.07 1.61
C GLY A 66 -11.54 -9.70 1.86
N THR A 67 -11.96 -8.68 1.11
CA THR A 67 -11.33 -7.38 1.30
C THR A 67 -11.69 -6.74 2.63
N ASP A 68 -12.82 -7.09 3.24
CA ASP A 68 -13.10 -6.52 4.55
C ASP A 68 -12.14 -7.07 5.59
N VAL A 69 -11.71 -8.33 5.46
CA VAL A 69 -10.68 -8.86 6.34
C VAL A 69 -9.40 -8.05 6.21
N ASP A 70 -9.00 -7.74 4.97
CA ASP A 70 -7.83 -6.88 4.76
C ASP A 70 -8.01 -5.52 5.44
N ALA A 71 -9.15 -4.88 5.22
CA ALA A 71 -9.34 -3.53 5.73
C ALA A 71 -9.30 -3.51 7.25
N ALA A 72 -9.89 -4.51 7.89
CA ALA A 72 -9.83 -4.60 9.35
C ALA A 72 -8.42 -4.90 9.83
N ASN A 73 -7.72 -5.81 9.14
CA ASN A 73 -6.33 -6.14 9.49
C ASN A 73 -5.46 -4.89 9.42
N LEU A 74 -5.62 -4.10 8.37
CA LEU A 74 -4.83 -2.88 8.20
C LEU A 74 -5.17 -1.84 9.26
N ARG A 75 -6.45 -1.68 9.56
CA ARG A 75 -6.86 -0.74 10.58
C ARG A 75 -6.20 -1.07 11.91
N GLU A 76 -6.23 -2.35 12.30
CA GLU A 76 -5.61 -2.75 13.56
C GLU A 76 -4.10 -2.59 13.51
N THR A 77 -3.47 -3.00 12.41
CA THR A 77 -2.01 -2.90 12.29
C THR A 77 -1.53 -1.46 12.40
N PHE A 78 -2.15 -0.55 11.64
CA PHE A 78 -1.68 0.82 11.68
C PHE A 78 -2.12 1.56 12.93
N ARG A 79 -3.20 1.10 13.57
CA ARG A 79 -3.55 1.63 14.89
C ARG A 79 -2.42 1.38 15.88
N ASN A 80 -1.84 0.18 15.84
CA ASN A 80 -0.76 -0.13 16.77
C ASN A 80 0.51 0.62 16.44
N LEU A 81 0.64 1.13 15.21
CA LEU A 81 1.76 2.00 14.85
C LEU A 81 1.47 3.47 15.12
N LYS A 82 0.29 3.77 15.66
CA LYS A 82 -0.13 5.10 16.09
C LYS A 82 -0.48 5.99 14.90
N TYR A 83 -0.91 5.39 13.80
CA TYR A 83 -1.48 6.18 12.71
C TYR A 83 -2.94 6.47 12.98
N GLU A 84 -3.38 7.63 12.51
CA GLU A 84 -4.79 8.02 12.55
C GLU A 84 -5.44 7.39 11.32
N VAL A 85 -6.09 6.24 11.52
CA VAL A 85 -6.65 5.47 10.40
C VAL A 85 -8.02 6.03 10.04
N ARG A 86 -8.23 6.27 8.74
CA ARG A 86 -9.56 6.59 8.21
C ARG A 86 -9.91 5.54 7.17
N ASN A 87 -10.97 4.79 7.44
CA ASN A 87 -11.44 3.74 6.54
C ASN A 87 -12.54 4.29 5.66
N LYS A 88 -12.44 4.06 4.35
CA LYS A 88 -13.48 4.50 3.42
C LYS A 88 -13.88 3.32 2.55
N ASN A 89 -15.18 3.08 2.43
CA ASN A 89 -15.70 1.91 1.74
C ASN A 89 -16.42 2.31 0.46
N ASP A 90 -16.17 1.55 -0.61
CA ASP A 90 -16.96 1.59 -1.84
C ASP A 90 -17.08 3.02 -2.40
N LEU A 91 -15.94 3.60 -2.75
CA LEU A 91 -15.87 4.94 -3.30
C LEU A 91 -15.87 4.91 -4.83
N THR A 92 -16.66 5.79 -5.43
CA THR A 92 -16.60 6.05 -6.86
C THR A 92 -15.26 6.67 -7.24
N ARG A 93 -14.96 6.68 -8.54
CA ARG A 93 -13.73 7.31 -9.01
C ARG A 93 -13.71 8.78 -8.65
N GLU A 94 -14.87 9.44 -8.73
CA GLU A 94 -14.94 10.85 -8.35
C GLU A 94 -14.66 11.04 -6.85
N GLU A 95 -15.21 10.15 -6.02
CA GLU A 95 -14.99 10.26 -4.58
C GLU A 95 -13.55 9.96 -4.20
N ILE A 96 -12.88 9.05 -4.93
CA ILE A 96 -11.47 8.79 -4.64
C ILE A 96 -10.64 10.04 -4.90
N VAL A 97 -10.89 10.71 -6.02
CA VAL A 97 -10.11 11.90 -6.36
C VAL A 97 -10.40 13.02 -5.37
N GLU A 98 -11.68 13.21 -5.01
CA GLU A 98 -12.02 14.26 -4.06
C GLU A 98 -11.42 13.99 -2.69
N LEU A 99 -11.45 12.72 -2.25
CA LEU A 99 -10.85 12.38 -0.97
C LEU A 99 -9.36 12.67 -0.96
N MET A 100 -8.65 12.24 -2.01
CA MET A 100 -7.21 12.48 -2.08
C MET A 100 -6.88 13.96 -2.15
N ARG A 101 -7.69 14.71 -2.91
CA ARG A 101 -7.50 16.14 -3.04
C ARG A 101 -7.67 16.85 -1.69
N ASP A 102 -8.73 16.47 -0.96
CA ASP A 102 -9.00 17.05 0.34
C ASP A 102 -7.92 16.69 1.36
N VAL A 103 -7.51 15.42 1.39
CA VAL A 103 -6.50 14.99 2.34
C VAL A 103 -5.19 15.71 2.07
N SER A 104 -4.83 15.88 0.78
CA SER A 104 -3.58 16.55 0.44
C SER A 104 -3.60 18.02 0.79
N LYS A 105 -4.78 18.60 1.01
CA LYS A 105 -4.89 20.00 1.39
C LYS A 105 -4.97 20.22 2.90
N GLU A 106 -4.99 19.14 3.69
CA GLU A 106 -4.86 19.26 5.14
C GLU A 106 -3.47 19.76 5.52
N ASP A 107 -3.37 20.31 6.72
CA ASP A 107 -2.09 20.72 7.29
C ASP A 107 -1.45 19.51 7.95
N HIS A 108 -0.44 18.93 7.30
CA HIS A 108 0.29 17.79 7.83
C HIS A 108 1.53 18.19 8.62
N SER A 109 1.65 19.46 9.01
CA SER A 109 2.91 19.93 9.58
CA SER A 109 2.89 19.97 9.62
C SER A 109 3.30 19.16 10.85
N LYS A 110 2.33 18.72 11.64
CA LYS A 110 2.63 18.01 12.88
C LYS A 110 2.71 16.50 12.67
N ARG A 111 2.65 16.03 11.43
CA ARG A 111 2.63 14.61 11.12
C ARG A 111 3.95 14.16 10.51
N SER A 112 4.41 12.96 10.92
CA SER A 112 5.69 12.45 10.45
C SER A 112 5.64 11.93 9.02
N SER A 113 4.49 11.44 8.58
CA SER A 113 4.42 10.65 7.36
C SER A 113 2.99 10.62 6.89
N PHE A 114 2.77 9.94 5.77
CA PHE A 114 1.43 9.76 5.22
C PHE A 114 1.36 8.36 4.63
N VAL A 115 0.24 7.67 4.87
CA VAL A 115 0.02 6.34 4.34
C VAL A 115 -1.34 6.30 3.65
N CYS A 116 -1.37 5.74 2.45
CA CYS A 116 -2.61 5.48 1.74
C CYS A 116 -2.61 4.03 1.30
N VAL A 117 -3.68 3.30 1.63
CA VAL A 117 -3.84 1.90 1.21
C VAL A 117 -5.01 1.83 0.25
N LEU A 118 -4.77 1.25 -0.91
CA LEU A 118 -5.80 1.08 -1.94
C LEU A 118 -6.09 -0.41 -2.10
N LEU A 119 -7.35 -0.80 -1.87
CA LEU A 119 -7.81 -2.17 -2.02
C LEU A 119 -8.90 -2.20 -3.08
N SER A 120 -8.59 -2.73 -4.27
CA SER A 120 -9.58 -2.71 -5.34
C SER A 120 -9.16 -3.60 -6.50
N HIS A 121 -10.00 -3.66 -7.52
CA HIS A 121 -9.55 -4.14 -8.81
C HIS A 121 -8.57 -3.13 -9.39
N GLY A 122 -7.71 -3.60 -10.28
CA GLY A 122 -6.76 -2.70 -10.91
C GLY A 122 -6.19 -3.28 -12.18
N GLU A 123 -5.44 -2.42 -12.87
CA GLU A 123 -4.58 -2.80 -13.99
C GLU A 123 -3.29 -2.05 -13.80
N GLU A 124 -2.31 -2.26 -14.69
CA GLU A 124 -1.05 -1.53 -14.55
C GLU A 124 -1.32 -0.03 -14.55
N GLY A 125 -0.92 0.62 -13.47
CA GLY A 125 -1.06 2.05 -13.32
C GLY A 125 -2.44 2.54 -12.93
N ILE A 126 -3.39 1.64 -12.65
CA ILE A 126 -4.80 1.98 -12.51
C ILE A 126 -5.39 1.26 -11.31
N ILE A 127 -6.24 1.98 -10.56
CA ILE A 127 -7.05 1.44 -9.49
C ILE A 127 -8.50 1.75 -9.81
N PHE A 128 -9.42 0.86 -9.47
CA PHE A 128 -10.81 1.06 -9.85
C PHE A 128 -11.63 1.65 -8.71
N GLY A 129 -12.29 2.77 -8.98
CA GLY A 129 -13.43 3.15 -8.19
C GLY A 129 -14.59 2.21 -8.47
N THR A 130 -15.66 2.40 -7.71
CA THR A 130 -16.81 1.51 -7.87
C THR A 130 -17.51 1.70 -9.23
N ASN A 131 -17.19 2.78 -9.95
CA ASN A 131 -17.84 3.10 -11.21
C ASN A 131 -16.84 3.36 -12.33
N GLY A 132 -15.59 2.93 -12.17
CA GLY A 132 -14.62 3.06 -13.23
C GLY A 132 -13.25 3.40 -12.70
N PRO A 133 -12.27 3.54 -13.59
CA PRO A 133 -10.87 3.60 -13.17
C PRO A 133 -10.39 4.98 -12.74
N VAL A 134 -9.32 4.95 -11.93
CA VAL A 134 -8.54 6.13 -11.57
C VAL A 134 -7.07 5.83 -11.89
N ASP A 135 -6.42 6.74 -12.60
CA ASP A 135 -4.97 6.66 -12.74
C ASP A 135 -4.29 6.82 -11.40
N LEU A 136 -3.39 5.90 -11.06
CA LEU A 136 -2.65 6.03 -9.80
C LEU A 136 -1.83 7.31 -9.78
N LYS A 137 -1.32 7.75 -10.93
CA LYS A 137 -0.57 9.01 -10.97
C LYS A 137 -1.44 10.19 -10.54
N LYS A 138 -2.72 10.17 -10.90
CA LYS A 138 -3.59 11.26 -10.46
C LYS A 138 -3.70 11.31 -8.93
N ILE A 139 -3.78 10.14 -8.29
CA ILE A 139 -3.86 10.07 -6.84
C ILE A 139 -2.55 10.55 -6.22
N THR A 140 -1.43 10.02 -6.67
CA THR A 140 -0.17 10.32 -5.99
C THR A 140 0.32 11.73 -6.29
N ASN A 141 -0.09 12.30 -7.43
CA ASN A 141 0.35 13.65 -7.78
C ASN A 141 -0.09 14.69 -6.74
N PHE A 142 -1.21 14.45 -6.06
CA PHE A 142 -1.66 15.39 -5.03
C PHE A 142 -0.63 15.55 -3.93
N PHE A 143 0.22 14.55 -3.75
CA PHE A 143 1.15 14.53 -2.64
C PHE A 143 2.58 14.83 -3.07
N ARG A 144 2.77 15.23 -4.32
CA ARG A 144 4.08 15.65 -4.82
C ARG A 144 4.70 16.67 -3.87
N GLY A 145 6.04 16.67 -3.83
CA GLY A 145 6.74 17.59 -2.93
C GLY A 145 6.39 19.05 -3.14
N ASP A 146 6.03 19.43 -4.37
CA ASP A 146 5.65 20.83 -4.62
C ASP A 146 4.15 21.09 -4.44
N ARG A 147 3.32 20.05 -4.31
CA ARG A 147 1.88 20.24 -4.21
C ARG A 147 1.30 19.99 -2.83
N CYS A 148 2.03 19.29 -1.95
CA CYS A 148 1.61 19.09 -0.56
C CYS A 148 2.81 19.49 0.29
N ARG A 149 2.93 20.78 0.57
CA ARG A 149 4.17 21.29 1.14
C ARG A 149 4.38 20.85 2.58
N SER A 150 3.30 20.56 3.31
CA SER A 150 3.49 20.08 4.68
C SER A 150 3.87 18.60 4.74
N LEU A 151 3.95 17.92 3.59
CA LEU A 151 4.56 16.60 3.54
C LEU A 151 5.89 16.59 2.80
N THR A 152 6.37 17.73 2.31
CA THR A 152 7.67 17.76 1.65
C THR A 152 8.75 17.24 2.59
N GLY A 153 9.59 16.32 2.10
CA GLY A 153 10.64 15.75 2.91
C GLY A 153 10.20 14.63 3.83
N LYS A 154 8.92 14.27 3.83
CA LYS A 154 8.37 13.25 4.69
C LYS A 154 7.95 12.05 3.85
N PRO A 155 8.03 10.83 4.41
CA PRO A 155 7.72 9.65 3.61
C PRO A 155 6.23 9.54 3.35
N LYS A 156 5.92 9.25 2.09
CA LYS A 156 4.57 9.13 1.59
C LYS A 156 4.43 7.72 1.05
N LEU A 157 3.66 6.89 1.74
CA LEU A 157 3.61 5.46 1.48
C LEU A 157 2.28 5.10 0.84
N PHE A 158 2.32 4.48 -0.32
CA PHE A 158 1.13 4.01 -1.02
C PHE A 158 1.21 2.50 -1.11
N ILE A 159 0.24 1.83 -0.50
CA ILE A 159 0.21 0.37 -0.41
C ILE A 159 -0.95 -0.07 -1.28
N ILE A 160 -0.67 -0.86 -2.32
CA ILE A 160 -1.64 -1.07 -3.40
C ILE A 160 -1.90 -2.57 -3.58
N GLN A 161 -3.08 -3.02 -3.14
CA GLN A 161 -3.55 -4.38 -3.38
C GLN A 161 -4.52 -4.31 -4.56
N ALA A 162 -4.03 -4.71 -5.72
CA ALA A 162 -4.77 -4.67 -6.98
C ALA A 162 -3.92 -5.35 -8.04
N CYS A 163 -4.59 -5.91 -9.05
CA CYS A 163 -3.83 -6.48 -10.16
C CYS A 163 -3.09 -5.40 -10.93
N ARG A 164 -2.01 -5.82 -11.60
CA ARG A 164 -1.25 -4.92 -12.46
C ARG A 164 -1.19 -5.46 -13.89
N GLY A 165 -2.15 -6.29 -14.28
CA GLY A 165 -2.16 -6.95 -15.56
C GLY A 165 -2.70 -8.35 -15.43
N THR A 166 -2.47 -9.16 -16.48
CA THR A 166 -3.06 -10.47 -16.61
C THR A 166 -2.01 -11.58 -16.78
N GLU A 167 -0.76 -11.31 -16.45
CA GLU A 167 0.25 -12.36 -16.48
CA GLU A 167 0.24 -12.37 -16.49
C GLU A 167 0.12 -13.23 -15.25
N LEU A 168 0.40 -14.52 -15.43
CA LEU A 168 0.32 -15.52 -14.38
C LEU A 168 1.71 -16.07 -14.14
N ASP A 169 2.12 -16.14 -12.89
CA ASP A 169 3.42 -16.67 -12.50
C ASP A 169 3.26 -18.15 -12.20
N CYS A 170 3.83 -19.00 -13.04
CA CYS A 170 3.70 -20.44 -12.84
CA CYS A 170 3.74 -20.44 -12.88
C CYS A 170 4.66 -20.97 -11.79
N GLY A 171 5.62 -20.18 -11.34
CA GLY A 171 6.54 -20.62 -10.31
C GLY A 171 7.56 -21.63 -10.80
N ILE A 172 8.49 -21.97 -9.92
CA ILE A 172 9.50 -22.99 -10.20
C ILE A 172 9.74 -23.76 -8.90
N GLU A 173 9.79 -25.09 -9.00
CA GLU A 173 10.06 -25.92 -7.83
C GLU A 173 11.47 -25.63 -7.32
N THR A 174 11.60 -25.48 -6.00
CA THR A 174 12.90 -25.24 -5.40
C THR A 174 13.51 -26.53 -4.87
N HIS B 10 19.47 22.57 -2.76
CA HIS B 10 18.45 23.52 -2.30
C HIS B 10 17.06 23.05 -2.72
N LYS B 11 16.99 22.15 -3.71
CA LYS B 11 15.74 21.53 -4.11
C LYS B 11 15.83 20.02 -3.96
N ILE B 12 14.67 19.40 -3.82
CA ILE B 12 14.55 17.95 -3.94
C ILE B 12 13.57 17.66 -5.06
N PRO B 13 13.67 16.48 -5.66
CA PRO B 13 12.70 16.11 -6.70
C PRO B 13 11.29 16.06 -6.13
N VAL B 14 10.32 16.47 -6.96
CA VAL B 14 8.94 16.38 -6.52
C VAL B 14 8.48 14.93 -6.37
N GLU B 15 9.17 13.98 -7.01
CA GLU B 15 8.83 12.57 -6.88
C GLU B 15 9.59 11.89 -5.75
N ALA B 16 10.47 12.60 -5.06
CA ALA B 16 11.20 11.98 -3.97
C ALA B 16 10.31 11.74 -2.76
N ASP B 17 10.72 10.76 -1.95
CA ASP B 17 10.12 10.44 -0.64
C ASP B 17 8.77 9.74 -0.78
N PHE B 18 8.55 9.08 -1.90
CA PHE B 18 7.42 8.17 -2.09
C PHE B 18 7.91 6.73 -2.00
N LEU B 19 7.07 5.87 -1.44
CA LEU B 19 7.28 4.43 -1.45
C LEU B 19 5.98 3.82 -1.95
N TYR B 20 6.07 2.96 -2.95
CA TYR B 20 4.92 2.23 -3.48
C TYR B 20 5.12 0.77 -3.16
N ALA B 21 4.30 0.24 -2.23
CA ALA B 21 4.37 -1.17 -1.84
C ALA B 21 3.28 -1.85 -2.67
N TYR B 22 3.67 -2.34 -3.85
CA TYR B 22 2.72 -3.03 -4.71
C TYR B 22 2.58 -4.49 -4.30
N SER B 23 1.36 -5.01 -4.40
CA SER B 23 1.11 -6.38 -4.02
C SER B 23 1.71 -7.39 -4.99
N THR B 24 2.04 -6.97 -6.21
CA THR B 24 2.45 -7.91 -7.24
C THR B 24 3.39 -7.23 -8.21
N ALA B 25 4.13 -8.05 -8.96
CA ALA B 25 5.06 -7.55 -9.97
C ALA B 25 4.32 -6.86 -11.12
N PRO B 26 4.98 -5.95 -11.84
CA PRO B 26 4.34 -5.30 -13.00
C PRO B 26 3.83 -6.33 -13.98
N GLY B 27 2.59 -6.14 -14.45
CA GLY B 27 2.01 -7.02 -15.44
C GLY B 27 1.21 -8.19 -14.90
N TYR B 28 1.25 -8.46 -13.58
CA TYR B 28 0.75 -9.71 -13.03
C TYR B 28 -0.56 -9.55 -12.26
N TYR B 29 -1.30 -10.65 -12.21
CA TYR B 29 -2.45 -10.73 -11.31
C TYR B 29 -1.98 -10.60 -9.87
N SER B 30 -2.94 -10.25 -9.00
CA SER B 30 -2.74 -10.21 -7.56
C SER B 30 -3.86 -10.99 -6.90
N TRP B 31 -3.50 -11.94 -6.03
CA TRP B 31 -4.42 -12.95 -5.54
C TRP B 31 -5.04 -12.61 -4.19
N ARG B 32 -6.29 -13.05 -4.02
CA ARG B 32 -7.08 -12.70 -2.85
C ARG B 32 -7.83 -13.95 -2.37
N ASN B 33 -7.89 -14.13 -1.06
CA ASN B 33 -8.59 -15.25 -0.46
C ASN B 33 -9.86 -14.76 0.22
N SER B 34 -10.97 -15.48 0.00
CA SER B 34 -12.26 -15.00 0.48
C SER B 34 -12.34 -14.96 2.01
N LYS B 35 -11.60 -15.83 2.70
CA LYS B 35 -11.65 -15.91 4.15
C LYS B 35 -10.53 -15.15 4.83
N ASP B 36 -9.32 -15.18 4.29
CA ASP B 36 -8.14 -14.64 4.95
C ASP B 36 -7.74 -13.27 4.42
N GLY B 37 -8.33 -12.81 3.32
CA GLY B 37 -7.89 -11.59 2.70
C GLY B 37 -6.88 -11.85 1.60
N SER B 38 -6.35 -10.76 1.06
CA SER B 38 -5.35 -10.89 0.00
C SER B 38 -4.05 -11.44 0.57
N TRP B 39 -3.32 -12.18 -0.27
CA TRP B 39 -2.05 -12.73 0.19
C TRP B 39 -1.11 -11.64 0.66
N PHE B 40 -1.08 -10.54 -0.08
CA PHE B 40 -0.14 -9.47 0.23
C PHE B 40 -0.52 -8.76 1.52
N ILE B 41 -1.80 -8.41 1.68
CA ILE B 41 -2.14 -7.64 2.87
C ILE B 41 -2.04 -8.50 4.13
N GLN B 42 -2.47 -9.78 4.04
CA GLN B 42 -2.25 -10.72 5.14
C GLN B 42 -0.81 -10.69 5.59
N SER B 43 0.11 -10.81 4.63
CA SER B 43 1.53 -10.92 4.94
C SER B 43 2.11 -9.60 5.43
N LEU B 44 1.70 -8.49 4.80
CA LEU B 44 2.15 -7.17 5.24
C LEU B 44 1.78 -6.91 6.69
N CYS B 45 0.52 -7.17 7.04
CA CYS B 45 0.09 -6.92 8.41
C CYS B 45 0.83 -7.81 9.39
N ALA B 46 1.02 -9.08 9.03
CA ALA B 46 1.75 -9.99 9.93
C ALA B 46 3.18 -9.53 10.15
N MET B 47 3.85 -9.07 9.11
CA MET B 47 5.24 -8.66 9.26
C MET B 47 5.36 -7.32 9.98
N LEU B 48 4.43 -6.38 9.75
CA LEU B 48 4.44 -5.15 10.54
C LEU B 48 4.20 -5.45 12.02
N LYS B 49 3.23 -6.31 12.33
CA LYS B 49 2.97 -6.67 13.71
C LYS B 49 4.21 -7.25 14.39
N GLN B 50 4.96 -8.09 13.67
CA GLN B 50 6.09 -8.76 14.28
C GLN B 50 7.34 -7.89 14.33
N TYR B 51 7.52 -7.01 13.35
CA TYR B 51 8.83 -6.38 13.17
C TYR B 51 8.83 -4.85 13.16
N ALA B 52 7.69 -4.19 13.25
CA ALA B 52 7.71 -2.74 13.14
C ALA B 52 8.46 -2.07 14.30
N ASP B 53 8.58 -2.71 15.45
CA ASP B 53 9.35 -2.11 16.52
C ASP B 53 10.81 -2.54 16.48
N LYS B 54 11.29 -3.15 15.37
CA LYS B 54 12.68 -3.61 15.37
C LYS B 54 13.38 -3.69 14.02
N LEU B 55 12.72 -3.44 12.89
CA LEU B 55 13.36 -3.48 11.58
C LEU B 55 13.00 -2.25 10.79
N GLU B 56 13.95 -1.82 9.95
CA GLU B 56 13.69 -0.79 8.97
C GLU B 56 12.66 -1.25 7.94
N PHE B 57 11.87 -0.30 7.43
CA PHE B 57 10.69 -0.65 6.64
C PHE B 57 11.04 -1.48 5.41
N MET B 58 12.12 -1.15 4.67
CA MET B 58 12.43 -1.99 3.52
C MET B 58 12.76 -3.41 3.92
N HIS B 59 13.35 -3.61 5.09
CA HIS B 59 13.59 -4.97 5.54
C HIS B 59 12.30 -5.67 5.97
N ILE B 60 11.34 -4.93 6.50
CA ILE B 60 10.01 -5.52 6.75
C ILE B 60 9.39 -5.95 5.43
N LEU B 61 9.44 -5.07 4.44
CA LEU B 61 8.79 -5.38 3.17
C LEU B 61 9.48 -6.54 2.48
N THR B 62 10.79 -6.70 2.68
CA THR B 62 11.49 -7.85 2.12
C THR B 62 10.99 -9.16 2.74
N ARG B 63 10.72 -9.17 4.06
CA ARG B 63 10.08 -10.33 4.68
C ARG B 63 8.69 -10.58 4.10
N VAL B 64 7.95 -9.50 3.80
CA VAL B 64 6.65 -9.67 3.15
C VAL B 64 6.81 -10.34 1.80
N ASN B 65 7.80 -9.90 1.02
CA ASN B 65 8.08 -10.56 -0.27
C ASN B 65 8.32 -12.06 -0.08
N ARG B 66 9.16 -12.43 0.89
CA ARG B 66 9.45 -13.84 1.10
CA ARG B 66 9.45 -13.84 1.10
C ARG B 66 8.21 -14.62 1.54
N LYS B 67 7.39 -14.03 2.43
CA LYS B 67 6.21 -14.73 2.90
C LYS B 67 5.23 -14.99 1.77
N VAL B 68 4.97 -13.96 0.95
CA VAL B 68 4.05 -14.14 -0.18
C VAL B 68 4.62 -15.15 -1.17
N ALA B 69 5.92 -15.03 -1.46
CA ALA B 69 6.55 -15.89 -2.45
C ALA B 69 6.55 -17.35 -2.04
N THR B 70 6.71 -17.64 -0.74
CA THR B 70 6.93 -19.01 -0.32
C THR B 70 5.70 -19.68 0.25
N GLU B 71 4.79 -18.93 0.88
CA GLU B 71 3.73 -19.55 1.66
C GLU B 71 2.39 -19.59 0.93
N PHE B 72 2.30 -19.04 -0.27
CA PHE B 72 1.02 -19.01 -0.97
C PHE B 72 1.14 -19.60 -2.37
N GLU B 73 0.09 -20.30 -2.77
CA GLU B 73 -0.04 -20.83 -4.13
C GLU B 73 -1.52 -20.95 -4.43
N SER B 74 -1.94 -20.55 -5.62
CA SER B 74 -3.37 -20.53 -5.89
C SER B 74 -3.93 -21.93 -6.05
N PHE B 75 -5.19 -22.06 -5.67
CA PHE B 75 -5.97 -23.28 -5.89
C PHE B 75 -7.19 -22.87 -6.70
N SER B 76 -7.35 -23.46 -7.89
CA SER B 76 -8.47 -23.10 -8.75
C SER B 76 -9.01 -24.34 -9.43
N PHE B 77 -10.35 -24.40 -9.56
CA PHE B 77 -10.95 -25.45 -10.37
C PHE B 77 -10.65 -25.26 -11.85
N ASP B 78 -10.25 -24.05 -12.24
CA ASP B 78 -9.87 -23.74 -13.62
C ASP B 78 -8.37 -23.90 -13.73
N ALA B 79 -7.93 -24.88 -14.54
CA ALA B 79 -6.50 -25.14 -14.66
C ALA B 79 -5.73 -23.89 -15.07
N THR B 80 -6.36 -22.98 -15.82
CA THR B 80 -5.69 -21.74 -16.24
C THR B 80 -5.17 -20.95 -15.04
N PHE B 81 -5.90 -20.98 -13.94
CA PHE B 81 -5.59 -20.14 -12.78
C PHE B 81 -5.06 -20.93 -11.60
N HIS B 82 -4.74 -22.20 -11.80
CA HIS B 82 -4.38 -23.08 -10.71
C HIS B 82 -2.88 -23.16 -10.54
N ALA B 83 -2.45 -23.28 -9.27
CA ALA B 83 -1.03 -23.50 -8.91
C ALA B 83 -0.15 -22.31 -9.28
N LYS B 84 -0.69 -21.10 -9.16
CA LYS B 84 0.02 -19.89 -9.52
C LYS B 84 0.63 -19.25 -8.29
N LYS B 85 1.67 -18.44 -8.53
CA LYS B 85 2.50 -17.83 -7.51
C LYS B 85 2.46 -16.32 -7.63
N GLN B 86 2.97 -15.64 -6.60
CA GLN B 86 2.94 -14.19 -6.59
C GLN B 86 4.19 -13.67 -5.89
N ILE B 87 4.78 -12.61 -6.43
CA ILE B 87 5.85 -11.87 -5.76
C ILE B 87 5.41 -10.41 -5.69
N PRO B 88 5.41 -9.79 -4.52
CA PRO B 88 5.13 -8.35 -4.45
C PRO B 88 6.29 -7.55 -4.99
N CYS B 89 6.14 -6.24 -5.02
CA CYS B 89 7.07 -5.39 -5.75
C CYS B 89 7.24 -4.10 -4.97
N ILE B 90 8.41 -3.93 -4.34
CA ILE B 90 8.71 -2.76 -3.52
C ILE B 90 9.31 -1.71 -4.42
N VAL B 91 8.67 -0.55 -4.50
CA VAL B 91 9.16 0.52 -5.37
C VAL B 91 9.49 1.73 -4.51
N SER B 92 10.79 1.97 -4.29
CA SER B 92 11.19 3.00 -3.35
C SER B 92 11.86 4.18 -4.03
N MET B 93 11.25 5.34 -3.86
CA MET B 93 11.86 6.64 -4.08
CA MET B 93 11.92 6.61 -4.10
C MET B 93 12.21 7.33 -2.78
N LEU B 94 12.30 6.58 -1.68
CA LEU B 94 12.63 7.17 -0.40
C LEU B 94 14.09 7.61 -0.40
N THR B 95 14.39 8.61 0.41
CA THR B 95 15.76 9.12 0.52
C THR B 95 16.40 8.82 1.86
N LYS B 96 15.69 8.19 2.80
CA LYS B 96 16.21 7.88 4.13
C LYS B 96 15.60 6.55 4.57
N GLU B 97 16.25 5.96 5.57
CA GLU B 97 15.69 4.78 6.25
C GLU B 97 14.44 5.19 7.02
N LEU B 98 13.48 4.27 7.08
CA LEU B 98 12.20 4.51 7.72
CA LEU B 98 12.19 4.50 7.71
C LEU B 98 12.02 3.50 8.85
N TYR B 99 12.00 4.00 10.08
CA TYR B 99 11.65 3.22 11.26
C TYR B 99 10.35 3.77 11.83
N PHE B 100 9.40 2.87 12.14
CA PHE B 100 8.15 3.35 12.72
C PHE B 100 8.29 3.76 14.18
N TYR B 101 9.36 3.33 14.85
CA TYR B 101 9.64 3.70 16.23
C TYR B 101 10.71 4.78 16.27
N HIS B 102 10.85 5.42 17.43
CA HIS B 102 11.89 6.42 17.63
C HIS B 102 12.43 6.28 19.05
N LEU B 103 13.56 6.95 19.31
CA LEU B 103 14.14 6.98 20.65
C LEU B 103 13.37 7.97 21.53
N GLU B 104 12.86 7.48 22.66
CA GLU B 104 12.02 8.26 23.57
C GLU B 104 12.66 9.58 23.98
N ASP C 3 -9.49 -18.92 -3.18
CA ASP C 3 -8.79 -17.92 -3.98
C ASP C 3 -9.67 -17.39 -5.11
N PHE C 5 -9.00 -13.03 -7.99
CA PHE C 5 -7.91 -12.06 -7.99
C PHE C 5 -8.44 -10.66 -8.29
#